data_4RGP
#
_entry.id   4RGP
#
_cell.length_a   75.511
_cell.length_b   78.238
_cell.length_c   92.269
_cell.angle_alpha   90.00
_cell.angle_beta   90.00
_cell.angle_gamma   90.00
#
_symmetry.space_group_name_H-M   'P 21 21 21'
#
loop_
_entity.id
_entity.type
_entity.pdbx_description
1 polymer Csm6_III-A
2 non-polymer 'CALCIUM ION'
3 non-polymer 'TRIETHYLENE GLYCOL'
4 non-polymer GLYCEROL
5 water water
#
_entity_poly.entity_id   1
_entity_poly.type   'polypeptide(L)'
_entity_poly.pdbx_seq_one_letter_code
;SNATEQETLTILLDVYAYYQAYQIVKASQFFSDDIIFLLELLKERRELNVDFLFQNQVHLQELELTYHISLLDNAYEEEL
LANYI(MSE)DLEAKLRNDHIIDFVRSVSPILYRLL(MSE)RL(MSE)QSQVADINDYIYDAKNDQYDTWKFDK(MSE)H
DSANPFVQNFVAKGRDSKITSRSLADFIQLTDLPQAIKDNILLLRDFEKSVRNPLAHLIKPFDEEELHRTTGFSSQTFLE
KIIQLAVFSGIHYDNDKFYFDKVNELIKRIYQN
;
_entity_poly.pdbx_strand_id   A,B
#
loop_
_chem_comp.id
_chem_comp.type
_chem_comp.name
_chem_comp.formula
CA non-polymer 'CALCIUM ION' 'Ca 2'
GOL non-polymer GLYCEROL 'C3 H8 O3'
PGE non-polymer 'TRIETHYLENE GLYCOL' 'C6 H14 O4'
#
# COMPACT_ATOMS: atom_id res chain seq x y z
N ASN A 2 2.45 18.55 -25.48
CA ASN A 2 3.78 19.11 -25.28
C ASN A 2 3.77 20.33 -24.35
N ALA A 3 3.45 20.10 -23.08
CA ALA A 3 3.44 21.17 -22.09
C ALA A 3 4.85 21.59 -21.72
N THR A 4 4.99 22.82 -21.25
CA THR A 4 6.30 23.34 -20.85
C THR A 4 6.75 22.69 -19.54
N GLU A 5 8.05 22.78 -19.26
CA GLU A 5 8.61 22.19 -18.05
C GLU A 5 7.94 22.71 -16.78
N GLN A 6 7.54 23.97 -16.80
CA GLN A 6 6.90 24.58 -15.64
C GLN A 6 5.44 24.16 -15.56
N GLU A 7 4.81 24.03 -16.72
CA GLU A 7 3.43 23.55 -16.78
C GLU A 7 3.33 22.11 -16.30
N THR A 8 4.34 21.30 -16.64
CA THR A 8 4.36 19.91 -16.20
C THR A 8 4.71 19.79 -14.73
N LEU A 9 5.64 20.63 -14.27
CA LEU A 9 6.06 20.60 -12.88
C LEU A 9 4.90 20.99 -11.96
N THR A 10 4.10 21.95 -12.41
CA THR A 10 2.93 22.37 -11.66
C THR A 10 1.94 21.22 -11.48
N ILE A 11 1.72 20.46 -12.54
CA ILE A 11 0.79 19.34 -12.52
C ILE A 11 1.27 18.23 -11.59
N LEU A 12 2.56 17.91 -11.67
CA LEU A 12 3.14 16.84 -10.84
C LEU A 12 3.04 17.18 -9.35
N LEU A 13 3.27 18.45 -9.02
CA LEU A 13 3.18 18.90 -7.63
C LEU A 13 1.77 18.75 -7.09
N ASP A 14 0.78 19.06 -7.93
CA ASP A 14 -0.63 18.99 -7.53
C ASP A 14 -1.04 17.57 -7.14
N VAL A 15 -0.36 16.59 -7.70
CA VAL A 15 -0.62 15.20 -7.35
C VAL A 15 0.54 14.61 -6.54
N TYR A 16 1.40 15.50 -6.05
CA TYR A 16 2.49 15.14 -5.14
C TYR A 16 3.41 14.06 -5.71
N ALA A 17 3.56 14.04 -7.02
CA ALA A 17 4.48 13.11 -7.68
C ALA A 17 5.90 13.64 -7.59
N TYR A 18 6.45 13.64 -6.37
CA TYR A 18 7.72 14.29 -6.09
C TYR A 18 8.91 13.55 -6.68
N TYR A 19 8.74 12.26 -6.96
CA TYR A 19 9.81 11.50 -7.59
C TYR A 19 9.99 11.96 -9.03
N GLN A 20 8.89 12.00 -9.78
CA GLN A 20 8.93 12.46 -11.16
C GLN A 20 9.28 13.95 -11.22
N ALA A 21 8.74 14.73 -10.28
CA ALA A 21 9.01 16.15 -10.22
C ALA A 21 10.50 16.41 -10.00
N TYR A 22 11.12 15.59 -9.16
CA TYR A 22 12.54 15.72 -8.85
C TYR A 22 13.41 15.42 -10.06
N GLN A 23 13.07 14.35 -10.78
CA GLN A 23 13.86 13.93 -11.94
C GLN A 23 13.75 14.96 -13.07
N ILE A 24 12.58 15.57 -13.20
CA ILE A 24 12.37 16.61 -14.21
C ILE A 24 13.19 17.85 -13.85
N VAL A 25 13.23 18.17 -12.56
CA VAL A 25 13.89 19.38 -12.10
C VAL A 25 15.41 19.23 -12.08
N LYS A 26 15.90 18.00 -11.95
CA LYS A 26 17.34 17.74 -11.97
C LYS A 26 17.87 17.83 -13.39
N ALA A 27 17.13 17.26 -14.33
CA ALA A 27 17.54 17.21 -15.73
C ALA A 27 17.17 18.49 -16.48
N SER A 28 16.75 19.51 -15.73
CA SER A 28 16.33 20.76 -16.34
C SER A 28 17.43 21.82 -16.26
N GLN A 29 17.21 22.92 -16.97
CA GLN A 29 18.17 24.01 -17.02
C GLN A 29 17.58 25.29 -16.43
N PHE A 30 16.25 25.32 -16.31
CA PHE A 30 15.55 26.56 -15.99
C PHE A 30 15.04 26.63 -14.54
N PHE A 31 15.62 25.82 -13.66
CA PHE A 31 15.22 25.84 -12.25
C PHE A 31 16.41 26.05 -11.33
N SER A 32 16.22 26.85 -10.30
CA SER A 32 17.28 27.16 -9.34
C SER A 32 17.62 25.95 -8.49
N ASP A 33 18.71 26.05 -7.74
CA ASP A 33 19.15 24.96 -6.88
C ASP A 33 18.30 24.85 -5.62
N ASP A 34 17.57 25.91 -5.30
CA ASP A 34 16.67 25.91 -4.15
C ASP A 34 15.48 24.97 -4.40
N ILE A 35 14.92 25.05 -5.59
CA ILE A 35 13.81 24.20 -5.99
C ILE A 35 14.24 22.74 -6.03
N ILE A 36 15.46 22.51 -6.50
CA ILE A 36 16.02 21.16 -6.58
C ILE A 36 16.12 20.51 -5.21
N PHE A 37 16.67 21.24 -4.24
CA PHE A 37 16.81 20.74 -2.89
C PHE A 37 15.45 20.48 -2.24
N LEU A 38 14.51 21.39 -2.44
CA LEU A 38 13.18 21.26 -1.86
C LEU A 38 12.47 20.02 -2.38
N LEU A 39 12.71 19.70 -3.65
CA LEU A 39 12.05 18.55 -4.27
C LEU A 39 12.70 17.24 -3.86
N GLU A 40 14.01 17.27 -3.58
CA GLU A 40 14.68 16.10 -3.02
C GLU A 40 14.15 15.84 -1.62
N LEU A 41 13.99 16.92 -0.86
CA LEU A 41 13.42 16.88 0.48
C LEU A 41 12.05 16.21 0.47
N LEU A 42 11.17 16.71 -0.40
CA LEU A 42 9.81 16.17 -0.51
C LEU A 42 9.81 14.73 -1.00
N LYS A 43 10.71 14.43 -1.94
CA LYS A 43 10.85 13.08 -2.47
C LYS A 43 11.26 12.10 -1.37
N GLU A 44 12.24 12.49 -0.55
CA GLU A 44 12.72 11.65 0.54
C GLU A 44 11.66 11.51 1.63
N ARG A 45 10.84 12.53 1.79
CA ARG A 45 9.72 12.46 2.75
C ARG A 45 8.74 11.36 2.37
N ARG A 46 8.38 11.30 1.09
CA ARG A 46 7.43 10.29 0.62
C ARG A 46 8.08 8.92 0.46
N GLU A 47 9.39 8.87 0.67
CA GLU A 47 10.10 7.60 0.79
C GLU A 47 10.34 7.32 2.27
N LEU A 48 9.63 8.07 3.12
CA LEU A 48 9.68 7.94 4.57
C LEU A 48 11.09 8.13 5.13
N ASN A 49 11.91 8.90 4.41
CA ASN A 49 13.25 9.21 4.88
C ASN A 49 13.29 10.55 5.62
N VAL A 50 13.07 10.50 6.92
CA VAL A 50 13.06 11.70 7.75
C VAL A 50 14.49 12.07 8.15
N ASP A 51 15.39 11.11 8.04
CA ASP A 51 16.81 11.32 8.35
C ASP A 51 17.41 12.40 7.47
N PHE A 52 16.92 12.49 6.24
CA PHE A 52 17.38 13.48 5.27
C PHE A 52 17.23 14.90 5.82
N LEU A 53 16.13 15.13 6.53
CA LEU A 53 15.82 16.45 7.09
C LEU A 53 16.84 16.87 8.14
N PHE A 54 17.32 15.91 8.91
CA PHE A 54 18.26 16.18 9.99
C PHE A 54 19.71 16.12 9.53
N GLN A 55 19.97 15.29 8.51
CA GLN A 55 21.29 15.24 7.90
C GLN A 55 21.61 16.54 7.18
N ASN A 56 20.56 17.25 6.77
CA ASN A 56 20.71 18.52 6.08
C ASN A 56 19.99 19.65 6.79
N GLN A 57 19.97 19.59 8.12
CA GLN A 57 19.19 20.54 8.92
C GLN A 57 19.75 21.96 8.82
N VAL A 58 21.06 22.07 8.58
CA VAL A 58 21.68 23.38 8.45
C VAL A 58 21.19 24.11 7.20
N HIS A 59 21.26 23.43 6.06
CA HIS A 59 20.76 24.01 4.81
C HIS A 59 19.25 24.18 4.86
N LEU A 60 18.58 23.27 5.54
CA LEU A 60 17.14 23.34 5.72
C LEU A 60 16.76 24.58 6.52
N GLN A 61 17.53 24.87 7.56
CA GLN A 61 17.28 26.02 8.42
C GLN A 61 17.45 27.33 7.66
N GLU A 62 18.42 27.36 6.74
CA GLU A 62 18.67 28.56 5.94
C GLU A 62 17.46 28.93 5.09
N LEU A 63 16.93 27.95 4.35
CA LEU A 63 15.79 28.18 3.48
C LEU A 63 14.55 28.55 4.28
N GLU A 64 14.47 28.05 5.52
CA GLU A 64 13.37 28.39 6.42
C GLU A 64 13.36 29.88 6.72
N LEU A 65 14.49 30.40 7.15
CA LEU A 65 14.60 31.82 7.51
C LEU A 65 14.60 32.69 6.26
N THR A 66 15.07 32.14 5.14
CA THR A 66 15.11 32.86 3.88
C THR A 66 13.71 33.09 3.33
N TYR A 67 12.93 32.02 3.23
CA TYR A 67 11.62 32.08 2.61
C TYR A 67 10.48 32.18 3.63
N HIS A 68 10.84 32.29 4.91
CA HIS A 68 9.86 32.44 5.99
C HIS A 68 8.85 31.30 5.99
N ILE A 69 9.36 30.08 6.14
CA ILE A 69 8.54 28.88 6.10
C ILE A 69 9.09 27.84 7.07
N SER A 70 8.23 26.93 7.52
CA SER A 70 8.68 25.81 8.34
C SER A 70 8.74 24.53 7.52
N LEU A 71 9.92 23.94 7.42
CA LEU A 71 10.10 22.69 6.70
C LEU A 71 10.23 21.53 7.68
N LEU A 72 10.39 21.86 8.95
CA LEU A 72 10.59 20.89 10.01
C LEU A 72 9.95 21.38 11.30
N ASP A 73 8.98 20.63 11.81
CA ASP A 73 8.18 21.06 12.95
C ASP A 73 8.44 20.27 14.22
N ASN A 74 8.86 19.02 14.07
CA ASN A 74 9.04 18.15 15.23
C ASN A 74 10.48 17.68 15.41
N ALA A 75 10.79 17.21 16.61
CA ALA A 75 12.02 16.47 16.85
C ALA A 75 11.92 15.13 16.13
N TYR A 76 13.04 14.42 16.03
CA TYR A 76 13.14 13.21 15.22
C TYR A 76 12.01 12.21 15.44
N GLU A 77 11.84 11.78 16.68
CA GLU A 77 10.86 10.74 17.00
C GLU A 77 9.43 11.15 16.65
N GLU A 78 9.11 12.42 16.81
CA GLU A 78 7.78 12.92 16.49
C GLU A 78 7.64 13.19 14.99
N GLU A 79 8.73 13.60 14.34
CA GLU A 79 8.68 13.99 12.95
C GLU A 79 8.46 12.80 12.01
N LEU A 80 8.98 11.63 12.38
CA LEU A 80 8.85 10.45 11.53
C LEU A 80 7.40 9.97 11.50
N LEU A 81 6.68 10.19 12.60
CA LEU A 81 5.27 9.83 12.68
C LEU A 81 4.43 10.84 11.92
N ALA A 82 4.79 12.12 12.05
CA ALA A 82 4.10 13.18 11.33
C ALA A 82 4.35 13.04 9.83
N ASN A 83 5.58 12.74 9.47
CA ASN A 83 5.95 12.57 8.06
C ASN A 83 5.16 11.44 7.40
N TYR A 84 4.96 10.36 8.15
CA TYR A 84 4.19 9.24 7.64
C TYR A 84 2.76 9.65 7.35
N ILE A 85 2.22 10.51 8.22
CA ILE A 85 0.83 10.94 8.11
C ILE A 85 0.60 11.85 6.91
N MSE A 86 1.52 12.76 6.65
CA MSE A 86 1.35 13.65 5.50
C MSE A 86 1.51 12.85 4.20
O MSE A 86 0.92 13.19 3.18
CB MSE A 86 2.33 14.84 5.55
CG MSE A 86 3.79 14.52 5.79
SE MSE A 86 4.91 16.12 5.97
CE MSE A 86 4.34 16.73 7.73
N ASP A 87 2.28 11.77 4.26
CA ASP A 87 2.36 10.83 3.14
C ASP A 87 1.02 10.12 2.99
N LEU A 88 0.42 9.78 4.13
CA LEU A 88 -0.89 9.14 4.18
C LEU A 88 -1.96 10.06 3.60
N GLU A 89 -1.86 11.34 3.93
CA GLU A 89 -2.81 12.34 3.42
C GLU A 89 -2.67 12.51 1.91
N ALA A 90 -1.44 12.40 1.41
CA ALA A 90 -1.17 12.54 -0.02
C ALA A 90 -1.88 11.45 -0.82
N LYS A 91 -1.77 10.21 -0.36
CA LYS A 91 -2.41 9.08 -1.02
C LYS A 91 -3.93 9.25 -1.02
N LEU A 92 -4.44 9.79 0.08
CA LEU A 92 -5.86 10.06 0.22
C LEU A 92 -6.33 11.09 -0.80
N ARG A 93 -5.57 12.17 -0.93
CA ARG A 93 -5.93 13.25 -1.85
C ARG A 93 -5.84 12.83 -3.31
N ASN A 94 -5.00 11.83 -3.60
CA ASN A 94 -4.92 11.27 -4.94
C ASN A 94 -5.93 10.15 -5.14
N ASP A 95 -6.77 9.96 -4.13
CA ASP A 95 -7.80 8.91 -4.13
C ASP A 95 -7.21 7.52 -4.34
N HIS A 96 -6.01 7.30 -3.84
CA HIS A 96 -5.43 5.97 -3.76
C HIS A 96 -5.95 5.32 -2.49
N ILE A 97 -7.25 5.00 -2.48
CA ILE A 97 -7.93 4.60 -1.26
C ILE A 97 -7.43 3.26 -0.72
N ILE A 98 -7.16 2.32 -1.62
CA ILE A 98 -6.65 1.01 -1.21
C ILE A 98 -5.26 1.14 -0.59
N ASP A 99 -4.41 1.95 -1.20
CA ASP A 99 -3.07 2.19 -0.69
C ASP A 99 -3.13 2.93 0.64
N PHE A 100 -4.07 3.87 0.75
CA PHE A 100 -4.29 4.61 1.99
C PHE A 100 -4.64 3.67 3.13
N VAL A 101 -5.56 2.75 2.86
CA VAL A 101 -6.06 1.82 3.87
C VAL A 101 -4.94 0.95 4.42
N ARG A 102 -4.17 0.34 3.52
CA ARG A 102 -3.05 -0.52 3.92
C ARG A 102 -1.99 0.25 4.71
N SER A 103 -1.84 1.53 4.40
CA SER A 103 -0.80 2.36 5.01
C SER A 103 -1.16 2.79 6.43
N VAL A 104 -2.41 2.57 6.83
CA VAL A 104 -2.87 2.97 8.16
C VAL A 104 -2.26 2.09 9.26
N SER A 105 -1.98 0.83 8.94
CA SER A 105 -1.56 -0.15 9.94
C SER A 105 -0.35 0.25 10.81
N PRO A 106 0.77 0.68 10.18
CA PRO A 106 1.91 0.94 11.07
C PRO A 106 1.81 2.25 11.86
N ILE A 107 1.21 3.29 11.27
CA ILE A 107 1.09 4.55 11.97
C ILE A 107 0.10 4.42 13.13
N LEU A 108 -0.95 3.62 12.93
CA LEU A 108 -1.90 3.34 13.99
C LEU A 108 -1.20 2.61 15.13
N TYR A 109 -0.41 1.60 14.76
CA TYR A 109 0.33 0.80 15.74
C TYR A 109 1.31 1.63 16.53
N ARG A 110 2.00 2.56 15.85
N ARG A 110 1.99 2.55 15.85
CA ARG A 110 2.98 3.41 16.50
CA ARG A 110 2.97 3.42 16.49
C ARG A 110 2.33 4.47 17.41
C ARG A 110 2.33 4.45 17.40
N LEU A 111 1.19 4.99 16.99
CA LEU A 111 0.46 5.97 17.78
C LEU A 111 -0.13 5.34 19.03
N LEU A 112 -0.67 4.12 18.88
CA LEU A 112 -1.23 3.40 20.01
C LEU A 112 -0.17 3.05 21.03
N MSE A 113 0.99 2.59 20.54
CA MSE A 113 2.10 2.25 21.42
C MSE A 113 2.60 3.50 22.15
O MSE A 113 2.89 3.46 23.34
CB MSE A 113 3.23 1.60 20.63
CG MSE A 113 4.39 1.12 21.49
SE MSE A 113 3.87 -0.29 22.73
CE MSE A 113 3.59 -1.72 21.43
N ARG A 114 2.70 4.60 21.41
CA ARG A 114 3.16 5.87 21.96
C ARG A 114 2.22 6.37 23.06
N LEU A 115 0.92 6.17 22.87
CA LEU A 115 -0.08 6.56 23.86
C LEU A 115 0.01 5.69 25.10
N MSE A 116 0.24 4.39 24.89
CA MSE A 116 0.41 3.46 25.99
C MSE A 116 1.63 3.83 26.84
O MSE A 116 1.62 3.71 28.06
CB MSE A 116 0.55 2.03 25.48
CG MSE A 116 -0.76 1.40 25.03
SE MSE A 116 -2.09 1.35 26.44
CE MSE A 116 -0.98 0.63 27.87
N GLN A 117 2.69 4.30 26.16
CA GLN A 117 3.93 4.70 26.82
C GLN A 117 3.69 5.82 27.83
N SER A 118 2.72 6.69 27.53
CA SER A 118 2.40 7.81 28.42
C SER A 118 1.64 7.34 29.66
N GLN A 119 0.87 6.26 29.50
CA GLN A 119 0.06 5.74 30.59
C GLN A 119 0.82 4.66 31.36
N VAL A 120 1.66 3.91 30.65
CA VAL A 120 2.52 2.91 31.28
C VAL A 120 3.97 3.17 30.88
N ALA A 121 4.71 3.83 31.78
CA ALA A 121 6.08 4.26 31.49
C ALA A 121 7.01 3.07 31.23
N ASP A 122 6.72 1.95 31.87
CA ASP A 122 7.56 0.76 31.77
C ASP A 122 6.94 -0.29 30.86
N ILE A 123 6.23 0.16 29.83
CA ILE A 123 5.48 -0.74 28.95
C ILE A 123 6.41 -1.69 28.18
N ASN A 124 7.63 -1.24 27.93
CA ASN A 124 8.59 -2.06 27.16
C ASN A 124 9.18 -3.17 28.01
N ASP A 125 8.93 -3.13 29.32
CA ASP A 125 9.37 -4.18 30.23
C ASP A 125 8.43 -5.38 30.17
N TYR A 126 7.26 -5.18 29.56
CA TYR A 126 6.24 -6.21 29.48
C TYR A 126 6.07 -6.72 28.05
N ILE A 127 7.04 -6.39 27.20
CA ILE A 127 6.99 -6.81 25.79
C ILE A 127 8.18 -7.69 25.44
N TYR A 128 7.92 -8.86 24.88
CA TYR A 128 9.00 -9.71 24.38
C TYR A 128 9.27 -9.40 22.93
N ASP A 129 10.41 -8.77 22.66
CA ASP A 129 10.79 -8.45 21.29
C ASP A 129 11.14 -9.71 20.53
N ALA A 130 10.13 -10.33 19.92
CA ALA A 130 10.30 -11.59 19.22
C ALA A 130 11.24 -11.46 18.03
N LYS A 131 11.92 -12.55 17.69
CA LYS A 131 12.89 -12.54 16.61
C LYS A 131 12.26 -12.66 15.23
N ASN A 132 12.97 -12.17 14.22
CA ASN A 132 12.61 -12.34 12.82
C ASN A 132 11.23 -11.83 12.43
N ASP A 133 10.44 -12.71 11.83
CA ASP A 133 9.18 -12.35 11.20
C ASP A 133 8.03 -12.15 12.19
N GLN A 134 8.17 -12.73 13.38
CA GLN A 134 7.05 -12.89 14.30
C GLN A 134 6.58 -11.61 14.99
N TYR A 135 5.29 -11.58 15.32
CA TYR A 135 4.70 -10.53 16.14
C TYR A 135 5.40 -10.46 17.49
N ASP A 136 5.47 -9.26 18.06
CA ASP A 136 5.90 -9.11 19.45
C ASP A 136 4.82 -9.67 20.36
N THR A 137 5.22 -10.12 21.55
CA THR A 137 4.26 -10.75 22.46
C THR A 137 4.32 -10.15 23.86
N TRP A 138 3.19 -10.21 24.57
CA TRP A 138 3.12 -9.73 25.94
C TRP A 138 3.77 -10.71 26.91
N LYS A 139 4.47 -10.18 27.91
CA LYS A 139 4.96 -10.98 29.02
C LYS A 139 3.92 -10.97 30.13
N PHE A 140 2.88 -11.79 29.98
CA PHE A 140 1.76 -11.79 30.90
C PHE A 140 2.18 -12.12 32.33
N ASP A 141 3.07 -13.10 32.49
CA ASP A 141 3.58 -13.46 33.80
C ASP A 141 4.27 -12.27 34.47
N LYS A 142 5.04 -11.54 33.67
CA LYS A 142 5.78 -10.38 34.15
C LYS A 142 4.83 -9.25 34.55
N MSE A 143 3.68 -9.17 33.88
CA MSE A 143 2.74 -8.08 34.07
C MSE A 143 2.00 -8.13 35.41
O MSE A 143 1.41 -7.14 35.84
CB MSE A 143 1.72 -8.08 32.94
CG MSE A 143 2.25 -7.66 31.58
SE MSE A 143 0.85 -7.70 30.23
CE MSE A 143 1.00 -5.87 29.58
N HIS A 144 2.01 -9.29 36.08
CA HIS A 144 1.28 -9.44 37.33
C HIS A 144 1.87 -8.60 38.46
N ASP A 145 3.19 -8.50 38.51
CA ASP A 145 3.85 -7.74 39.58
C ASP A 145 3.85 -6.24 39.32
N SER A 146 3.15 -5.81 38.28
CA SER A 146 3.08 -4.39 37.96
C SER A 146 2.28 -3.66 39.02
N ALA A 147 2.83 -2.55 39.51
CA ALA A 147 2.12 -1.71 40.47
C ALA A 147 1.06 -0.89 39.74
N ASN A 148 1.20 -0.82 38.42
CA ASN A 148 0.27 -0.11 37.56
C ASN A 148 -1.07 -0.83 37.46
N PRO A 149 -2.15 -0.15 37.86
CA PRO A 149 -3.52 -0.69 37.80
C PRO A 149 -3.96 -1.04 36.40
N PHE A 150 -3.52 -0.26 35.41
CA PHE A 150 -3.88 -0.49 34.02
C PHE A 150 -3.36 -1.84 33.54
N VAL A 151 -2.10 -2.11 33.84
CA VAL A 151 -1.48 -3.38 33.48
C VAL A 151 -2.17 -4.56 34.15
N GLN A 152 -2.42 -4.42 35.45
CA GLN A 152 -3.07 -5.48 36.22
C GLN A 152 -4.43 -5.86 35.65
N ASN A 153 -5.24 -4.86 35.31
CA ASN A 153 -6.55 -5.09 34.73
C ASN A 153 -6.48 -5.69 33.33
N PHE A 154 -5.34 -5.50 32.66
CA PHE A 154 -5.15 -5.98 31.30
C PHE A 154 -4.97 -7.49 31.28
N VAL A 155 -4.10 -7.99 32.16
CA VAL A 155 -3.80 -9.42 32.25
C VAL A 155 -4.96 -10.17 32.88
N ALA A 156 -5.78 -9.46 33.63
CA ALA A 156 -6.90 -10.06 34.35
C ALA A 156 -7.97 -10.57 33.38
N LYS A 157 -7.98 -10.05 32.16
CA LYS A 157 -9.07 -10.34 31.22
C LYS A 157 -8.78 -11.52 30.28
N GLY A 158 -7.52 -11.96 30.21
CA GLY A 158 -7.14 -13.07 29.36
C GLY A 158 -7.17 -12.75 27.88
N ARG A 159 -6.00 -12.68 27.25
CA ARG A 159 -5.91 -12.26 25.84
C ARG A 159 -4.97 -13.12 25.01
N ASP A 160 -4.77 -12.71 23.76
CA ASP A 160 -3.77 -13.33 22.88
C ASP A 160 -2.38 -12.81 23.25
N SER A 161 -1.37 -13.66 23.10
CA SER A 161 -0.01 -13.26 23.41
C SER A 161 0.49 -12.22 22.42
N LYS A 162 0.16 -12.43 21.14
CA LYS A 162 0.61 -11.55 20.06
C LYS A 162 0.09 -10.12 20.24
N ILE A 163 1.00 -9.16 20.05
CA ILE A 163 0.65 -7.76 20.19
C ILE A 163 0.25 -7.15 18.85
N THR A 164 -1.05 -6.93 18.68
CA THR A 164 -1.57 -6.29 17.49
C THR A 164 -2.09 -4.90 17.85
N SER A 165 -2.51 -4.14 16.84
CA SER A 165 -3.10 -2.83 17.06
C SER A 165 -4.42 -2.99 17.80
N ARG A 166 -5.12 -4.07 17.48
CA ARG A 166 -6.37 -4.40 18.16
C ARG A 166 -6.13 -4.64 19.64
N SER A 167 -5.04 -5.31 19.97
CA SER A 167 -4.68 -5.60 21.35
C SER A 167 -4.32 -4.31 22.10
N LEU A 168 -3.54 -3.45 21.46
CA LEU A 168 -3.17 -2.17 22.05
C LEU A 168 -4.40 -1.28 22.23
N ALA A 169 -5.34 -1.39 21.30
CA ALA A 169 -6.58 -0.63 21.35
C ALA A 169 -7.38 -1.03 22.59
N ASP A 170 -7.45 -2.33 22.86
CA ASP A 170 -8.13 -2.83 24.05
C ASP A 170 -7.46 -2.34 25.31
N PHE A 171 -6.13 -2.36 25.31
CA PHE A 171 -5.32 -1.91 26.44
C PHE A 171 -5.62 -0.45 26.77
N ILE A 172 -5.71 0.37 25.73
CA ILE A 172 -5.99 1.81 25.87
C ILE A 172 -7.22 2.08 26.73
N GLN A 173 -8.27 1.30 26.50
CA GLN A 173 -9.55 1.51 27.18
C GLN A 173 -9.42 1.40 28.71
N LEU A 174 -8.42 0.65 29.17
CA LEU A 174 -8.23 0.45 30.61
C LEU A 174 -7.37 1.54 31.23
N THR A 175 -6.86 2.45 30.41
CA THR A 175 -5.99 3.50 30.90
C THR A 175 -6.77 4.71 31.41
N ASP A 176 -6.06 5.80 31.68
CA ASP A 176 -6.66 6.99 32.26
C ASP A 176 -6.94 8.05 31.21
N LEU A 177 -6.73 7.68 29.94
CA LEU A 177 -6.96 8.61 28.82
C LEU A 177 -8.39 9.12 28.76
N PRO A 178 -8.56 10.35 28.25
CA PRO A 178 -9.90 10.91 28.03
C PRO A 178 -10.73 10.01 27.12
N GLN A 179 -12.04 9.92 27.39
CA GLN A 179 -12.92 9.01 26.67
C GLN A 179 -12.97 9.29 25.18
N ALA A 180 -12.85 10.57 24.82
CA ALA A 180 -12.86 10.97 23.41
C ALA A 180 -11.72 10.32 22.65
N ILE A 181 -10.56 10.21 23.29
CA ILE A 181 -9.41 9.53 22.70
C ILE A 181 -9.66 8.03 22.64
N LYS A 182 -10.33 7.51 23.66
CA LYS A 182 -10.65 6.08 23.70
C LYS A 182 -11.66 5.69 22.62
N ASP A 183 -12.64 6.55 22.39
CA ASP A 183 -13.65 6.29 21.37
C ASP A 183 -13.05 6.41 19.98
N ASN A 184 -12.14 7.36 19.80
CA ASN A 184 -11.37 7.52 18.59
C ASN A 184 -10.68 6.20 18.24
N ILE A 185 -10.02 5.62 19.23
CA ILE A 185 -9.24 4.40 19.06
C ILE A 185 -10.14 3.18 18.85
N LEU A 186 -11.33 3.20 19.44
CA LEU A 186 -12.31 2.15 19.22
C LEU A 186 -12.82 2.19 17.77
N LEU A 187 -13.00 3.39 17.24
CA LEU A 187 -13.43 3.56 15.86
C LEU A 187 -12.40 2.99 14.89
N LEU A 188 -11.15 3.37 15.09
CA LEU A 188 -10.06 2.88 14.25
C LEU A 188 -9.86 1.38 14.42
N ARG A 189 -10.20 0.87 15.61
CA ARG A 189 -10.12 -0.56 15.89
C ARG A 189 -11.05 -1.33 14.95
N ASP A 190 -12.23 -0.79 14.72
CA ASP A 190 -13.20 -1.41 13.82
C ASP A 190 -12.80 -1.20 12.36
N PHE A 191 -12.07 -0.12 12.09
CA PHE A 191 -11.51 0.13 10.77
C PHE A 191 -10.52 -0.97 10.41
N GLU A 192 -9.69 -1.33 11.38
CA GLU A 192 -8.72 -2.41 11.22
C GLU A 192 -9.40 -3.72 10.82
N LYS A 193 -10.48 -4.04 11.53
CA LYS A 193 -11.15 -5.33 11.39
C LYS A 193 -11.97 -5.43 10.11
N SER A 194 -12.71 -4.37 9.79
CA SER A 194 -13.66 -4.41 8.69
C SER A 194 -13.03 -4.11 7.33
N VAL A 195 -12.02 -3.24 7.31
CA VAL A 195 -11.46 -2.77 6.05
C VAL A 195 -9.96 -3.03 5.91
N ARG A 196 -9.19 -2.61 6.90
CA ARG A 196 -7.73 -2.66 6.81
C ARG A 196 -7.18 -4.08 6.75
N ASN A 197 -7.77 -4.98 7.52
CA ASN A 197 -7.26 -6.35 7.56
C ASN A 197 -7.56 -7.13 6.28
N PRO A 198 -8.81 -7.09 5.78
CA PRO A 198 -9.03 -7.87 4.55
C PRO A 198 -8.34 -7.29 3.32
N LEU A 199 -8.10 -5.98 3.32
CA LEU A 199 -7.50 -5.33 2.16
C LEU A 199 -5.99 -5.57 2.07
N ALA A 200 -5.39 -6.00 3.18
CA ALA A 200 -3.97 -6.35 3.19
C ALA A 200 -3.79 -7.81 2.76
N HIS A 201 -4.90 -8.55 2.73
CA HIS A 201 -4.87 -9.98 2.45
C HIS A 201 -5.52 -10.34 1.12
N LEU A 202 -6.60 -9.66 0.78
CA LEU A 202 -7.45 -10.08 -0.33
C LEU A 202 -7.43 -9.12 -1.51
N ILE A 203 -7.93 -9.61 -2.65
CA ILE A 203 -8.12 -8.78 -3.83
C ILE A 203 -9.58 -8.41 -3.97
N LYS A 204 -9.89 -7.14 -3.73
CA LYS A 204 -11.27 -6.66 -3.81
C LYS A 204 -11.36 -5.33 -4.54
N PRO A 205 -12.44 -5.13 -5.30
CA PRO A 205 -12.76 -3.80 -5.81
C PRO A 205 -13.01 -2.88 -4.63
N PHE A 206 -12.39 -1.70 -4.63
CA PHE A 206 -12.48 -0.82 -3.48
C PHE A 206 -12.15 0.62 -3.84
N ASP A 207 -12.98 1.55 -3.37
CA ASP A 207 -12.76 2.97 -3.57
C ASP A 207 -13.38 3.77 -2.43
N GLU A 208 -13.54 5.07 -2.63
CA GLU A 208 -14.07 5.94 -1.59
C GLU A 208 -15.49 5.56 -1.20
N GLU A 209 -16.31 5.20 -2.18
CA GLU A 209 -17.71 4.86 -1.92
C GLU A 209 -17.84 3.57 -1.12
N GLU A 210 -17.01 2.58 -1.45
CA GLU A 210 -17.08 1.28 -0.78
C GLU A 210 -16.60 1.38 0.67
N LEU A 211 -15.68 2.30 0.93
CA LEU A 211 -15.22 2.55 2.29
C LEU A 211 -16.35 3.15 3.12
N HIS A 212 -17.16 3.99 2.49
CA HIS A 212 -18.25 4.65 3.17
C HIS A 212 -19.37 3.67 3.51
N ARG A 213 -19.68 2.77 2.59
N ARG A 213 -19.68 2.77 2.59
CA ARG A 213 -20.71 1.76 2.83
CA ARG A 213 -20.70 1.76 2.82
C ARG A 213 -20.30 0.84 3.97
C ARG A 213 -20.30 0.81 3.94
N THR A 214 -19.01 0.52 4.03
CA THR A 214 -18.50 -0.43 5.01
C THR A 214 -18.36 0.18 6.41
N THR A 215 -18.01 1.46 6.47
CA THR A 215 -17.70 2.09 7.75
C THR A 215 -18.66 3.20 8.14
N GLY A 216 -19.36 3.76 7.17
CA GLY A 216 -20.25 4.89 7.42
C GLY A 216 -19.49 6.19 7.49
N PHE A 217 -18.23 6.16 7.05
CA PHE A 217 -17.39 7.36 7.07
C PHE A 217 -16.47 7.42 5.85
N SER A 218 -15.98 8.62 5.56
CA SER A 218 -15.07 8.81 4.44
C SER A 218 -13.62 8.63 4.89
N SER A 219 -12.71 8.58 3.91
CA SER A 219 -11.29 8.40 4.20
C SER A 219 -10.72 9.61 4.95
N GLN A 220 -11.25 10.79 4.66
CA GLN A 220 -10.80 12.01 5.31
C GLN A 220 -11.07 11.97 6.81
N THR A 221 -12.19 11.37 7.19
CA THR A 221 -12.55 11.22 8.59
C THR A 221 -11.52 10.36 9.34
N PHE A 222 -11.15 9.24 8.73
CA PHE A 222 -10.18 8.34 9.33
C PHE A 222 -8.81 9.00 9.40
N LEU A 223 -8.50 9.82 8.41
CA LEU A 223 -7.27 10.59 8.41
C LEU A 223 -7.25 11.55 9.60
N GLU A 224 -8.37 12.24 9.81
CA GLU A 224 -8.49 13.22 10.89
C GLU A 224 -8.47 12.58 12.27
N LYS A 225 -8.99 11.36 12.38
CA LYS A 225 -8.95 10.63 13.64
C LYS A 225 -7.51 10.29 14.01
N ILE A 226 -6.76 9.85 13.01
CA ILE A 226 -5.34 9.55 13.17
C ILE A 226 -4.57 10.81 13.58
N ILE A 227 -4.88 11.91 12.90
CA ILE A 227 -4.26 13.21 13.21
C ILE A 227 -4.56 13.64 14.63
N GLN A 228 -5.81 13.43 15.06
CA GLN A 228 -6.24 13.79 16.41
C GLN A 228 -5.41 13.06 17.46
N LEU A 229 -5.15 11.78 17.22
CA LEU A 229 -4.30 10.98 18.10
C LEU A 229 -2.88 11.52 18.13
N ALA A 230 -2.35 11.80 16.95
CA ALA A 230 -0.99 12.33 16.82
C ALA A 230 -0.83 13.64 17.60
N VAL A 231 -1.72 14.59 17.35
CA VAL A 231 -1.68 15.88 18.02
C VAL A 231 -1.77 15.73 19.54
N PHE A 232 -2.64 14.85 20.01
CA PHE A 232 -2.83 14.64 21.44
C PHE A 232 -1.56 14.08 22.11
N SER A 233 -0.77 13.34 21.33
CA SER A 233 0.44 12.71 21.86
C SER A 233 1.64 13.65 21.80
N GLY A 234 1.42 14.88 21.38
CA GLY A 234 2.49 15.88 21.35
C GLY A 234 3.12 16.05 19.98
N ILE A 235 2.51 15.47 18.96
CA ILE A 235 3.03 15.58 17.60
C ILE A 235 2.37 16.73 16.85
N HIS A 236 3.17 17.61 16.26
CA HIS A 236 2.62 18.72 15.50
C HIS A 236 2.30 18.32 14.06
N TYR A 237 1.04 18.51 13.67
CA TYR A 237 0.61 18.26 12.30
C TYR A 237 -0.47 19.27 11.93
N ASP A 238 -0.23 20.03 10.87
CA ASP A 238 -1.19 21.04 10.44
C ASP A 238 -2.35 20.41 9.69
N ASN A 239 -3.55 20.50 10.27
CA ASN A 239 -4.74 19.90 9.69
C ASN A 239 -5.46 20.87 8.77
N ASP A 240 -5.12 22.15 8.86
CA ASP A 240 -5.74 23.18 8.03
C ASP A 240 -4.92 23.43 6.77
N LYS A 241 -3.61 23.52 6.95
CA LYS A 241 -2.69 23.74 5.84
C LYS A 241 -1.81 22.52 5.62
N PHE A 242 -2.10 21.75 4.57
CA PHE A 242 -1.31 20.57 4.24
C PHE A 242 0.14 20.97 3.97
N TYR A 243 1.05 20.31 4.67
CA TYR A 243 2.49 20.56 4.54
C TYR A 243 2.95 20.55 3.09
N PHE A 244 2.52 19.55 2.35
CA PHE A 244 2.92 19.40 0.96
C PHE A 244 2.36 20.54 0.10
N ASP A 245 1.15 20.97 0.40
CA ASP A 245 0.56 22.12 -0.31
C ASP A 245 1.36 23.39 -0.06
N LYS A 246 1.79 23.57 1.18
CA LYS A 246 2.52 24.78 1.57
C LYS A 246 3.89 24.87 0.89
N VAL A 247 4.60 23.76 0.83
CA VAL A 247 5.91 23.72 0.20
C VAL A 247 5.77 23.85 -1.32
N ASN A 248 4.71 23.26 -1.86
CA ASN A 248 4.42 23.37 -3.29
C ASN A 248 4.21 24.82 -3.72
N GLU A 249 3.51 25.57 -2.88
N GLU A 249 3.52 25.58 -2.89
CA GLU A 249 3.24 26.98 -3.17
CA GLU A 249 3.25 26.98 -3.18
C GLU A 249 4.52 27.80 -3.18
C GLU A 249 4.52 27.82 -3.17
N LEU A 250 5.44 27.48 -2.29
CA LEU A 250 6.73 28.16 -2.23
C LEU A 250 7.50 27.92 -3.52
N ILE A 251 7.57 26.65 -3.91
CA ILE A 251 8.25 26.25 -5.14
C ILE A 251 7.67 26.96 -6.36
N LYS A 252 6.34 27.00 -6.44
CA LYS A 252 5.66 27.65 -7.55
C LYS A 252 6.00 29.13 -7.63
N ARG A 253 5.93 29.83 -6.50
CA ARG A 253 6.22 31.26 -6.45
C ARG A 253 7.66 31.58 -6.81
N ILE A 254 8.54 30.60 -6.67
CA ILE A 254 9.95 30.79 -7.00
C ILE A 254 10.18 30.76 -8.52
N TYR A 255 9.55 29.83 -9.23
CA TYR A 255 9.73 29.74 -10.68
C TYR A 255 8.62 30.46 -11.45
N GLN A 256 7.78 31.21 -10.74
CA GLN A 256 6.76 32.04 -11.39
C GLN A 256 6.96 33.51 -11.06
N ASN B 2 -1.75 27.26 -15.87
CA ASN B 2 -2.22 27.79 -17.15
C ASN B 2 -2.06 26.78 -18.28
N ALA B 3 -1.77 25.54 -17.92
CA ALA B 3 -1.68 24.45 -18.89
C ALA B 3 -3.06 24.10 -19.41
N THR B 4 -3.14 23.78 -20.69
CA THR B 4 -4.42 23.44 -21.32
C THR B 4 -5.00 22.16 -20.73
N GLU B 5 -6.28 21.91 -21.03
CA GLU B 5 -6.95 20.70 -20.58
C GLU B 5 -6.29 19.45 -21.16
N GLN B 6 -5.81 19.56 -22.40
CA GLN B 6 -5.17 18.45 -23.08
C GLN B 6 -3.73 18.22 -22.58
N GLU B 7 -3.05 19.31 -22.26
CA GLU B 7 -1.70 19.24 -21.73
C GLU B 7 -1.69 18.53 -20.38
N THR B 8 -2.67 18.88 -19.54
CA THR B 8 -2.79 18.27 -18.21
C THR B 8 -3.13 16.80 -18.32
N LEU B 9 -3.99 16.47 -19.28
CA LEU B 9 -4.39 15.09 -19.51
C LEU B 9 -3.19 14.21 -19.85
N THR B 10 -2.32 14.72 -20.72
CA THR B 10 -1.11 14.00 -21.12
C THR B 10 -0.23 13.63 -19.93
N ILE B 11 0.05 14.60 -19.08
CA ILE B 11 0.93 14.43 -17.94
C ILE B 11 0.37 13.40 -16.95
N LEU B 12 -0.92 13.47 -16.68
CA LEU B 12 -1.58 12.55 -15.76
C LEU B 12 -1.51 11.11 -16.28
N LEU B 13 -1.66 10.96 -17.60
CA LEU B 13 -1.58 9.66 -18.24
C LEU B 13 -0.22 9.01 -18.00
N ASP B 14 0.83 9.83 -18.11
CA ASP B 14 2.20 9.33 -17.99
C ASP B 14 2.52 8.82 -16.59
N VAL B 15 1.78 9.30 -15.60
CA VAL B 15 1.93 8.81 -14.24
C VAL B 15 0.72 8.00 -13.80
N TYR B 16 -0.11 7.64 -14.78
CA TYR B 16 -1.25 6.75 -14.57
C TYR B 16 -2.21 7.28 -13.50
N ALA B 17 -2.36 8.59 -13.44
CA ALA B 17 -3.30 9.21 -12.53
C ALA B 17 -4.68 9.24 -13.18
N TYR B 18 -5.26 8.06 -13.39
CA TYR B 18 -6.49 7.92 -14.15
C TYR B 18 -7.70 8.51 -13.44
N TYR B 19 -7.64 8.57 -12.11
CA TYR B 19 -8.73 9.19 -11.37
C TYR B 19 -8.79 10.69 -11.68
N GLN B 20 -7.62 11.34 -11.64
CA GLN B 20 -7.53 12.76 -11.91
C GLN B 20 -7.80 13.06 -13.38
N ALA B 21 -7.29 12.20 -14.26
CA ALA B 21 -7.49 12.36 -15.69
C ALA B 21 -8.96 12.22 -16.06
N TYR B 22 -9.67 11.39 -15.29
CA TYR B 22 -11.10 11.18 -15.51
C TYR B 22 -11.91 12.41 -15.09
N GLN B 23 -11.52 13.01 -13.97
CA GLN B 23 -12.21 14.20 -13.46
C GLN B 23 -12.22 15.32 -14.49
N ILE B 24 -11.08 15.52 -15.16
CA ILE B 24 -10.95 16.58 -16.14
C ILE B 24 -11.78 16.35 -17.40
N VAL B 25 -11.57 15.19 -18.02
CA VAL B 25 -12.23 14.87 -19.28
C VAL B 25 -13.75 14.77 -19.12
N LYS B 26 -14.19 14.25 -17.99
CA LYS B 26 -15.62 14.13 -17.70
C LYS B 26 -16.27 15.50 -17.53
N ALA B 27 -15.48 16.48 -17.11
CA ALA B 27 -16.00 17.79 -16.77
C ALA B 27 -15.85 18.81 -17.90
N SER B 28 -15.50 18.34 -19.09
CA SER B 28 -15.32 19.24 -20.22
C SER B 28 -16.24 18.90 -21.38
N GLN B 29 -16.08 19.61 -22.49
CA GLN B 29 -16.90 19.39 -23.68
C GLN B 29 -16.03 19.03 -24.89
N PHE B 30 -14.72 19.17 -24.73
CA PHE B 30 -13.79 19.05 -25.84
C PHE B 30 -13.20 17.66 -26.00
N PHE B 31 -13.91 16.64 -25.53
CA PHE B 31 -13.41 15.27 -25.63
C PHE B 31 -14.48 14.28 -26.07
N SER B 32 -14.05 13.28 -26.82
CA SER B 32 -14.93 12.21 -27.30
C SER B 32 -15.54 11.43 -26.15
N ASP B 33 -16.69 10.81 -26.41
CA ASP B 33 -17.32 9.91 -25.45
C ASP B 33 -16.42 8.71 -25.19
N ASP B 34 -15.63 8.34 -26.19
CA ASP B 34 -14.74 7.18 -26.09
C ASP B 34 -13.59 7.42 -25.11
N ILE B 35 -13.09 8.65 -25.06
CA ILE B 35 -11.99 8.97 -24.16
C ILE B 35 -12.42 8.91 -22.69
N ILE B 36 -13.58 9.50 -22.38
CA ILE B 36 -14.06 9.52 -21.00
C ILE B 36 -14.45 8.11 -20.54
N PHE B 37 -14.89 7.28 -21.48
CA PHE B 37 -15.20 5.89 -21.16
C PHE B 37 -13.91 5.11 -20.95
N LEU B 38 -12.92 5.39 -21.78
CA LEU B 38 -11.61 4.75 -21.69
C LEU B 38 -10.95 5.11 -20.37
N LEU B 39 -11.10 6.36 -19.94
CA LEU B 39 -10.51 6.84 -18.70
C LEU B 39 -11.31 6.38 -17.49
N GLU B 40 -12.60 6.13 -17.69
CA GLU B 40 -13.42 5.55 -16.63
C GLU B 40 -13.03 4.09 -16.45
N LEU B 41 -12.68 3.46 -17.58
CA LEU B 41 -12.24 2.07 -17.59
C LEU B 41 -10.91 1.90 -16.86
N LEU B 42 -9.96 2.77 -17.18
CA LEU B 42 -8.64 2.72 -16.58
C LEU B 42 -8.69 3.05 -15.09
N LYS B 43 -9.52 4.03 -14.75
CA LYS B 43 -9.71 4.43 -13.36
C LYS B 43 -10.28 3.28 -12.53
N GLU B 44 -11.30 2.62 -13.07
CA GLU B 44 -11.94 1.51 -12.39
C GLU B 44 -11.00 0.30 -12.34
N ARG B 45 -10.09 0.21 -13.31
CA ARG B 45 -9.08 -0.83 -13.29
C ARG B 45 -8.16 -0.65 -12.09
N ARG B 46 -7.70 0.57 -11.87
CA ARG B 46 -6.79 0.87 -10.77
C ARG B 46 -7.52 0.91 -9.42
N GLU B 47 -8.83 0.78 -9.45
CA GLU B 47 -9.62 0.60 -8.24
C GLU B 47 -9.98 -0.87 -8.11
N LEU B 48 -9.33 -1.70 -8.91
CA LEU B 48 -9.50 -3.15 -8.91
C LEU B 48 -10.95 -3.56 -9.19
N ASN B 49 -11.62 -2.80 -10.05
CA ASN B 49 -12.99 -3.10 -10.42
C ASN B 49 -13.05 -3.75 -11.80
N VAL B 50 -12.83 -5.06 -11.83
CA VAL B 50 -12.85 -5.82 -13.07
C VAL B 50 -14.30 -6.02 -13.55
N ASP B 51 -15.24 -6.03 -12.60
CA ASP B 51 -16.66 -6.16 -12.91
C ASP B 51 -17.11 -5.11 -13.91
N PHE B 52 -16.52 -3.92 -13.82
CA PHE B 52 -16.81 -2.83 -14.76
C PHE B 52 -16.55 -3.25 -16.20
N LEU B 53 -15.45 -3.97 -16.41
CA LEU B 53 -15.05 -4.42 -17.74
C LEU B 53 -16.07 -5.37 -18.35
N PHE B 54 -16.65 -6.23 -17.53
CA PHE B 54 -17.58 -7.25 -18.00
C PHE B 54 -19.03 -6.77 -18.01
N GLN B 55 -19.34 -5.82 -17.14
CA GLN B 55 -20.68 -5.22 -17.14
C GLN B 55 -20.88 -4.38 -18.39
N ASN B 56 -19.83 -3.68 -18.80
CA ASN B 56 -19.87 -2.88 -20.02
C ASN B 56 -19.10 -3.54 -21.15
N GLN B 57 -19.18 -4.86 -21.23
CA GLN B 57 -18.40 -5.60 -22.23
C GLN B 57 -18.82 -5.26 -23.65
N VAL B 58 -20.11 -4.97 -23.85
CA VAL B 58 -20.63 -4.63 -25.17
C VAL B 58 -19.99 -3.35 -25.69
N HIS B 59 -20.05 -2.29 -24.89
CA HIS B 59 -19.44 -1.01 -25.27
C HIS B 59 -17.92 -1.17 -25.38
N LEU B 60 -17.37 -2.09 -24.62
CA LEU B 60 -15.94 -2.39 -24.66
C LEU B 60 -15.55 -2.99 -26.00
N GLN B 61 -16.36 -3.93 -26.49
CA GLN B 61 -16.08 -4.58 -27.76
C GLN B 61 -16.24 -3.60 -28.93
N GLU B 62 -17.11 -2.60 -28.75
CA GLU B 62 -17.29 -1.56 -29.75
C GLU B 62 -16.00 -0.80 -29.99
N LEU B 63 -15.34 -0.39 -28.91
CA LEU B 63 -14.11 0.36 -28.99
C LEU B 63 -12.96 -0.51 -29.50
N GLU B 64 -13.02 -1.80 -29.19
CA GLU B 64 -12.03 -2.74 -29.68
C GLU B 64 -12.08 -2.84 -31.20
N LEU B 65 -13.29 -2.94 -31.74
CA LEU B 65 -13.48 -2.98 -33.19
C LEU B 65 -13.05 -1.68 -33.84
N THR B 66 -13.32 -0.57 -33.14
CA THR B 66 -13.10 0.76 -33.69
C THR B 66 -11.61 1.09 -33.81
N TYR B 67 -10.84 0.78 -32.78
CA TYR B 67 -9.44 1.18 -32.74
C TYR B 67 -8.49 0.00 -32.89
N HIS B 68 -9.06 -1.18 -33.13
CA HIS B 68 -8.29 -2.39 -33.40
C HIS B 68 -7.26 -2.67 -32.31
N ILE B 69 -7.73 -2.70 -31.08
CA ILE B 69 -6.86 -2.95 -29.94
C ILE B 69 -7.59 -3.83 -28.92
N SER B 70 -6.84 -4.59 -28.13
CA SER B 70 -7.43 -5.41 -27.08
C SER B 70 -7.50 -4.64 -25.77
N LEU B 71 -8.65 -4.70 -25.12
CA LEU B 71 -8.85 -4.02 -23.84
C LEU B 71 -9.20 -5.04 -22.76
N LEU B 72 -9.40 -6.28 -23.18
CA LEU B 72 -9.77 -7.37 -22.27
C LEU B 72 -9.26 -8.69 -22.82
N ASP B 73 -8.22 -9.23 -22.21
CA ASP B 73 -7.55 -10.42 -22.74
C ASP B 73 -7.89 -11.70 -21.99
N ASN B 74 -8.57 -11.57 -20.86
CA ASN B 74 -8.84 -12.73 -20.01
C ASN B 74 -10.30 -12.87 -19.59
N ALA B 75 -10.71 -14.11 -19.32
CA ALA B 75 -11.97 -14.38 -18.66
C ALA B 75 -11.92 -13.80 -17.25
N TYR B 76 -13.07 -13.74 -16.60
CA TYR B 76 -13.20 -13.02 -15.33
C TYR B 76 -12.16 -13.38 -14.29
N GLU B 77 -12.00 -14.67 -14.02
CA GLU B 77 -11.10 -15.11 -12.97
C GLU B 77 -9.64 -14.74 -13.25
N GLU B 78 -9.21 -14.93 -14.49
CA GLU B 78 -7.84 -14.61 -14.89
C GLU B 78 -7.63 -13.10 -14.96
N GLU B 79 -8.67 -12.37 -15.36
CA GLU B 79 -8.57 -10.92 -15.50
C GLU B 79 -8.44 -10.23 -14.14
N LEU B 80 -9.07 -10.81 -13.13
CA LEU B 80 -8.93 -10.34 -11.75
C LEU B 80 -7.47 -10.22 -11.36
N LEU B 81 -6.68 -11.22 -11.73
CA LEU B 81 -5.28 -11.29 -11.36
C LEU B 81 -4.42 -10.48 -12.32
N ALA B 82 -4.77 -10.49 -13.61
CA ALA B 82 -4.05 -9.70 -14.59
C ALA B 82 -4.15 -8.22 -14.26
N ASN B 83 -5.37 -7.77 -14.00
CA ASN B 83 -5.63 -6.36 -13.68
C ASN B 83 -4.86 -5.88 -12.47
N TYR B 84 -4.79 -6.74 -11.44
CA TYR B 84 -4.10 -6.40 -10.20
C TYR B 84 -2.61 -6.18 -10.45
N ILE B 85 -2.04 -6.97 -11.36
CA ILE B 85 -0.63 -6.88 -11.68
C ILE B 85 -0.32 -5.61 -12.49
N MSE B 86 -1.28 -5.16 -13.28
CA MSE B 86 -1.15 -3.88 -13.98
C MSE B 86 -0.98 -2.75 -12.97
O MSE B 86 -0.09 -1.92 -13.10
CB MSE B 86 -2.37 -3.61 -14.87
CG MSE B 86 -2.65 -4.67 -15.92
SE MSE B 86 -4.24 -4.21 -16.92
CE MSE B 86 -4.44 -5.85 -17.96
N ASP B 87 -1.86 -2.75 -11.97
CA ASP B 87 -1.80 -1.77 -10.89
C ASP B 87 -0.44 -1.85 -10.20
N LEU B 88 0.07 -3.07 -10.07
CA LEU B 88 1.35 -3.33 -9.43
C LEU B 88 2.49 -2.71 -10.22
N GLU B 89 2.44 -2.88 -11.55
CA GLU B 89 3.47 -2.33 -12.43
C GLU B 89 3.39 -0.80 -12.48
N ALA B 90 2.17 -0.27 -12.35
CA ALA B 90 1.97 1.17 -12.35
C ALA B 90 2.64 1.81 -11.14
N LYS B 91 2.43 1.22 -9.97
CA LYS B 91 3.04 1.70 -8.73
C LYS B 91 4.56 1.64 -8.82
N LEU B 92 5.07 0.58 -9.45
CA LEU B 92 6.50 0.38 -9.60
C LEU B 92 7.09 1.45 -10.53
N ARG B 93 6.39 1.76 -11.61
CA ARG B 93 6.84 2.76 -12.57
C ARG B 93 6.77 4.17 -11.99
N ASN B 94 5.91 4.36 -11.00
CA ASN B 94 5.84 5.65 -10.30
C ASN B 94 6.79 5.68 -9.11
N ASP B 95 7.59 4.63 -8.97
CA ASP B 95 8.56 4.49 -7.88
C ASP B 95 7.89 4.57 -6.50
N HIS B 96 6.65 4.10 -6.42
CA HIS B 96 6.00 3.88 -5.14
C HIS B 96 6.37 2.50 -4.65
N ILE B 97 7.62 2.34 -4.21
CA ILE B 97 8.16 1.04 -3.85
C ILE B 97 7.46 0.43 -2.63
N ILE B 98 7.25 1.25 -1.60
CA ILE B 98 6.55 0.81 -0.40
C ILE B 98 5.13 0.33 -0.71
N ASP B 99 4.42 1.10 -1.52
CA ASP B 99 3.09 0.72 -1.98
C ASP B 99 3.14 -0.58 -2.79
N PHE B 100 4.15 -0.69 -3.63
CA PHE B 100 4.37 -1.90 -4.43
C PHE B 100 4.52 -3.12 -3.54
N VAL B 101 5.38 -3.00 -2.53
CA VAL B 101 5.68 -4.10 -1.62
C VAL B 101 4.45 -4.59 -0.87
N ARG B 102 3.66 -3.67 -0.34
CA ARG B 102 2.44 -4.02 0.37
C ARG B 102 1.39 -4.64 -0.55
N SER B 103 1.48 -4.36 -1.84
CA SER B 103 0.51 -4.87 -2.81
C SER B 103 0.86 -6.29 -3.28
N VAL B 104 2.06 -6.75 -2.94
CA VAL B 104 2.53 -8.06 -3.40
C VAL B 104 1.81 -9.22 -2.70
N SER B 105 1.50 -9.05 -1.42
CA SER B 105 0.94 -10.15 -0.62
C SER B 105 -0.38 -10.73 -1.15
N PRO B 106 -1.38 -9.87 -1.48
CA PRO B 106 -2.63 -10.48 -1.95
C PRO B 106 -2.50 -11.25 -3.26
N ILE B 107 -1.69 -10.75 -4.19
CA ILE B 107 -1.54 -11.41 -5.50
C ILE B 107 -0.66 -12.64 -5.38
N LEU B 108 0.31 -12.61 -4.47
CA LEU B 108 1.19 -13.76 -4.26
C LEU B 108 0.39 -14.95 -3.74
N TYR B 109 -0.48 -14.69 -2.77
CA TYR B 109 -1.33 -15.74 -2.19
C TYR B 109 -2.23 -16.37 -3.25
N ARG B 110 -2.84 -15.53 -4.08
CA ARG B 110 -3.77 -15.99 -5.10
C ARG B 110 -3.07 -16.80 -6.18
N LEU B 111 -1.87 -16.38 -6.55
CA LEU B 111 -1.09 -17.12 -7.53
C LEU B 111 -0.64 -18.46 -6.97
N LEU B 112 -0.22 -18.46 -5.70
CA LEU B 112 0.17 -19.68 -5.00
C LEU B 112 -0.97 -20.69 -4.97
N MSE B 113 -2.17 -20.20 -4.69
CA MSE B 113 -3.35 -21.06 -4.63
C MSE B 113 -3.70 -21.60 -6.01
O MSE B 113 -4.03 -22.76 -6.18
CB MSE B 113 -4.54 -20.32 -4.03
CG MSE B 113 -5.71 -21.22 -3.70
SE MSE B 113 -5.26 -22.59 -2.39
CE MSE B 113 -4.95 -21.41 -0.87
N ARG B 114 -3.62 -20.72 -7.01
CA ARG B 114 -3.94 -21.08 -8.38
C ARG B 114 -2.97 -22.14 -8.92
N LEU B 115 -1.69 -21.99 -8.59
CA LEU B 115 -0.66 -22.91 -9.06
C LEU B 115 -0.79 -24.28 -8.40
N MSE B 116 -1.24 -24.30 -7.15
CA MSE B 116 -1.37 -25.55 -6.43
C MSE B 116 -2.54 -26.37 -6.97
O MSE B 116 -2.47 -27.60 -7.02
CB MSE B 116 -1.56 -25.31 -4.93
CG MSE B 116 -1.02 -26.45 -4.09
SE MSE B 116 0.90 -26.32 -3.94
CE MSE B 116 0.91 -24.60 -3.02
N GLN B 117 -3.59 -25.68 -7.38
CA GLN B 117 -4.76 -26.33 -7.94
C GLN B 117 -4.40 -27.05 -9.23
N SER B 118 -3.37 -26.55 -9.91
CA SER B 118 -2.89 -27.19 -11.13
C SER B 118 -2.14 -28.47 -10.79
N GLN B 119 -1.69 -28.59 -9.55
CA GLN B 119 -0.92 -29.75 -9.12
C GLN B 119 -1.78 -30.72 -8.32
N VAL B 120 -2.77 -30.20 -7.61
CA VAL B 120 -3.76 -31.01 -6.92
C VAL B 120 -5.15 -30.39 -7.12
N ALA B 121 -5.96 -31.06 -7.92
CA ALA B 121 -7.23 -30.50 -8.39
C ALA B 121 -8.26 -30.35 -7.27
N ASP B 122 -8.22 -31.26 -6.30
CA ASP B 122 -9.21 -31.27 -5.23
C ASP B 122 -8.64 -30.70 -3.93
N ILE B 123 -7.83 -29.66 -4.05
CA ILE B 123 -7.12 -29.11 -2.89
C ILE B 123 -8.06 -28.42 -1.91
N ASN B 124 -9.26 -28.05 -2.36
CA ASN B 124 -10.24 -27.44 -1.50
C ASN B 124 -10.70 -28.38 -0.38
N ASP B 125 -10.68 -29.68 -0.69
CA ASP B 125 -11.15 -30.70 0.24
C ASP B 125 -10.18 -30.91 1.40
N TYR B 126 -8.96 -30.39 1.27
CA TYR B 126 -7.97 -30.49 2.33
C TYR B 126 -7.86 -29.16 3.09
N ILE B 127 -8.88 -28.33 2.96
CA ILE B 127 -8.89 -27.02 3.59
C ILE B 127 -10.12 -26.80 4.47
N TYR B 128 -9.87 -26.52 5.75
CA TYR B 128 -10.96 -26.11 6.63
C TYR B 128 -11.16 -24.60 6.51
N ASP B 129 -12.36 -24.20 6.11
CA ASP B 129 -12.66 -22.79 5.91
C ASP B 129 -13.14 -22.15 7.21
N ALA B 130 -12.24 -21.47 7.90
CA ALA B 130 -12.59 -20.77 9.13
C ALA B 130 -13.29 -19.44 8.80
N LYS B 131 -13.71 -18.73 9.84
CA LYS B 131 -14.39 -17.46 9.65
C LYS B 131 -13.45 -16.41 9.07
N ASN B 132 -14.02 -15.33 8.53
CA ASN B 132 -13.31 -14.38 7.67
C ASN B 132 -11.98 -13.82 8.18
N ASP B 133 -11.88 -13.62 9.50
CA ASP B 133 -10.67 -13.05 10.06
C ASP B 133 -9.57 -14.09 10.25
N GLN B 134 -9.97 -15.28 10.71
CA GLN B 134 -9.04 -16.35 10.98
C GLN B 134 -8.47 -16.93 9.69
N TYR B 135 -7.26 -17.48 9.77
CA TYR B 135 -6.68 -18.19 8.64
C TYR B 135 -7.36 -19.54 8.44
N ASP B 136 -7.41 -19.99 7.19
CA ASP B 136 -7.89 -21.34 6.90
C ASP B 136 -6.83 -22.34 7.35
N THR B 137 -7.25 -23.56 7.65
CA THR B 137 -6.34 -24.56 8.17
C THR B 137 -6.31 -25.85 7.34
N TRP B 138 -5.14 -26.47 7.27
CA TRP B 138 -5.00 -27.74 6.57
C TRP B 138 -5.69 -28.87 7.33
N LYS B 139 -6.35 -29.76 6.58
CA LYS B 139 -6.89 -30.98 7.14
C LYS B 139 -5.87 -32.09 7.01
N PHE B 140 -4.88 -32.10 7.92
CA PHE B 140 -3.78 -33.07 7.88
C PHE B 140 -4.28 -34.51 7.93
N ASP B 141 -5.38 -34.72 8.65
N ASP B 141 -5.40 -34.69 8.62
CA ASP B 141 -5.98 -36.04 8.77
CA ASP B 141 -6.00 -36.01 8.80
C ASP B 141 -6.49 -36.53 7.43
C ASP B 141 -6.59 -36.54 7.50
N LYS B 142 -7.10 -35.64 6.67
CA LYS B 142 -7.68 -35.99 5.38
C LYS B 142 -6.60 -36.12 4.31
N MSE B 143 -5.47 -35.47 4.57
CA MSE B 143 -4.37 -35.42 3.60
C MSE B 143 -3.56 -36.73 3.59
O MSE B 143 -2.93 -37.06 2.58
CB MSE B 143 -3.46 -34.23 3.91
CG MSE B 143 -4.07 -32.89 3.54
SE MSE B 143 -2.99 -31.36 4.10
CE MSE B 143 -1.26 -32.09 3.54
N HIS B 144 -3.58 -37.46 4.69
CA HIS B 144 -2.91 -38.74 4.78
C HIS B 144 -3.57 -39.77 3.85
N ASP B 145 -4.88 -39.61 3.64
CA ASP B 145 -5.64 -40.54 2.82
C ASP B 145 -5.60 -40.19 1.34
N SER B 146 -4.95 -39.09 1.02
CA SER B 146 -4.91 -38.58 -0.35
C SER B 146 -4.14 -39.50 -1.29
N ALA B 147 -4.61 -39.60 -2.53
CA ALA B 147 -3.92 -40.36 -3.57
C ALA B 147 -2.88 -39.49 -4.25
N ASN B 148 -2.94 -38.20 -3.98
CA ASN B 148 -1.97 -37.25 -4.53
C ASN B 148 -0.64 -37.33 -3.79
N PRO B 149 0.44 -37.61 -4.54
CA PRO B 149 1.78 -37.80 -3.96
C PRO B 149 2.33 -36.52 -3.33
N PHE B 150 1.98 -35.37 -3.89
CA PHE B 150 2.46 -34.10 -3.37
C PHE B 150 1.83 -33.80 -2.02
N VAL B 151 0.56 -34.14 -1.89
CA VAL B 151 -0.18 -33.93 -0.64
C VAL B 151 0.42 -34.76 0.50
N GLN B 152 0.77 -36.00 0.18
CA GLN B 152 1.32 -36.91 1.19
C GLN B 152 2.70 -36.44 1.68
N ASN B 153 3.50 -35.90 0.77
CA ASN B 153 4.81 -35.36 1.14
C ASN B 153 4.68 -34.17 2.09
N PHE B 154 3.57 -33.45 1.98
CA PHE B 154 3.34 -32.24 2.76
C PHE B 154 3.03 -32.54 4.22
N VAL B 155 2.32 -33.64 4.48
CA VAL B 155 1.90 -33.97 5.84
C VAL B 155 3.06 -34.39 6.74
N ALA B 156 3.92 -35.26 6.21
CA ALA B 156 4.95 -35.95 7.00
C ALA B 156 5.83 -35.02 7.83
N LYS B 157 6.00 -33.79 7.39
CA LYS B 157 6.84 -32.82 8.07
C LYS B 157 6.34 -32.49 9.48
N GLY B 158 5.03 -32.54 9.66
CA GLY B 158 4.43 -32.11 10.91
C GLY B 158 4.44 -30.59 11.01
N ARG B 159 3.95 -29.96 9.95
CA ARG B 159 3.87 -28.51 9.89
C ARG B 159 2.64 -28.02 10.63
N ASP B 160 2.51 -26.71 10.81
CA ASP B 160 1.34 -26.17 11.49
C ASP B 160 0.17 -26.01 10.52
N SER B 161 -1.03 -25.84 11.08
CA SER B 161 -2.27 -25.94 10.31
C SER B 161 -2.58 -24.71 9.45
N LYS B 162 -2.20 -23.52 9.92
CA LYS B 162 -2.56 -22.28 9.25
C LYS B 162 -2.09 -22.22 7.79
N ILE B 163 -2.99 -21.80 6.91
CA ILE B 163 -2.66 -21.65 5.50
C ILE B 163 -2.19 -20.23 5.21
N THR B 164 -0.88 -20.03 5.25
CA THR B 164 -0.30 -18.75 4.90
C THR B 164 0.37 -18.85 3.55
N SER B 165 0.85 -17.74 3.02
CA SER B 165 1.61 -17.75 1.78
C SER B 165 2.90 -18.55 1.96
N ARG B 166 3.39 -18.57 3.19
CA ARG B 166 4.61 -19.29 3.54
C ARG B 166 4.45 -20.79 3.40
N SER B 167 3.39 -21.33 3.98
CA SER B 167 3.11 -22.77 3.93
C SER B 167 2.79 -23.21 2.51
N LEU B 168 2.11 -22.34 1.77
CA LEU B 168 1.80 -22.61 0.37
C LEU B 168 3.09 -22.63 -0.45
N ALA B 169 4.02 -21.73 -0.12
CA ALA B 169 5.30 -21.68 -0.80
C ALA B 169 6.07 -22.97 -0.61
N ASP B 170 5.99 -23.53 0.60
CA ASP B 170 6.65 -24.79 0.91
C ASP B 170 5.96 -25.95 0.18
N PHE B 171 4.64 -25.85 0.06
CA PHE B 171 3.84 -26.87 -0.61
C PHE B 171 4.22 -26.95 -2.09
N ILE B 172 4.49 -25.79 -2.70
CA ILE B 172 4.90 -25.72 -4.10
C ILE B 172 6.15 -26.55 -4.37
N GLN B 173 7.11 -26.49 -3.45
CA GLN B 173 8.40 -27.15 -3.62
C GLN B 173 8.28 -28.67 -3.71
N LEU B 174 7.15 -29.21 -3.26
CA LEU B 174 6.94 -30.65 -3.24
C LEU B 174 6.17 -31.14 -4.46
N THR B 175 5.81 -30.21 -5.34
CA THR B 175 5.04 -30.53 -6.54
C THR B 175 5.97 -30.83 -7.71
N ASP B 176 5.39 -31.02 -8.90
CA ASP B 176 6.18 -31.28 -10.09
C ASP B 176 6.22 -30.04 -11.00
N LEU B 177 5.99 -28.87 -10.42
CA LEU B 177 6.12 -27.62 -11.16
C LEU B 177 7.57 -27.42 -11.56
N PRO B 178 7.82 -26.76 -12.70
CA PRO B 178 9.17 -26.44 -13.15
C PRO B 178 9.96 -25.69 -12.08
N GLN B 179 11.26 -25.93 -12.02
CA GLN B 179 12.11 -25.33 -10.99
C GLN B 179 12.10 -23.81 -11.06
N ALA B 180 11.93 -23.27 -12.27
CA ALA B 180 11.87 -21.82 -12.46
C ALA B 180 10.68 -21.22 -11.72
N ILE B 181 9.57 -21.97 -11.69
CA ILE B 181 8.39 -21.54 -10.96
C ILE B 181 8.64 -21.62 -9.45
N LYS B 182 9.23 -22.73 -9.03
CA LYS B 182 9.57 -22.93 -7.63
C LYS B 182 10.57 -21.89 -7.13
N ASP B 183 11.56 -21.60 -7.96
CA ASP B 183 12.57 -20.60 -7.63
C ASP B 183 11.95 -19.22 -7.41
N ASN B 184 11.08 -18.82 -8.33
CA ASN B 184 10.38 -17.55 -8.22
C ASN B 184 9.58 -17.45 -6.92
N ILE B 185 8.94 -18.55 -6.56
CA ILE B 185 8.10 -18.61 -5.37
C ILE B 185 8.94 -18.60 -4.10
N LEU B 186 10.07 -19.30 -4.13
CA LEU B 186 11.02 -19.29 -3.03
C LEU B 186 11.56 -17.88 -2.80
N LEU B 187 11.81 -17.17 -3.90
CA LEU B 187 12.36 -15.82 -3.82
C LEU B 187 11.32 -14.82 -3.33
N LEU B 188 10.07 -15.01 -3.74
CA LEU B 188 8.98 -14.13 -3.31
C LEU B 188 8.61 -14.40 -1.85
N ARG B 189 8.86 -15.63 -1.40
CA ARG B 189 8.63 -15.99 -0.01
C ARG B 189 9.64 -15.26 0.89
N ASP B 190 10.90 -15.22 0.46
CA ASP B 190 11.93 -14.50 1.17
C ASP B 190 11.62 -13.00 1.17
N PHE B 191 11.10 -12.52 0.04
CA PHE B 191 10.66 -11.14 -0.10
C PHE B 191 9.66 -10.80 0.98
N GLU B 192 8.66 -11.65 1.16
CA GLU B 192 7.62 -11.43 2.16
C GLU B 192 8.18 -11.28 3.57
N LYS B 193 9.11 -12.16 3.93
CA LYS B 193 9.68 -12.15 5.28
C LYS B 193 10.59 -10.95 5.51
N SER B 194 11.40 -10.63 4.50
CA SER B 194 12.49 -9.68 4.66
C SER B 194 12.08 -8.21 4.51
N VAL B 195 11.12 -7.90 3.64
CA VAL B 195 10.75 -6.51 3.40
C VAL B 195 9.25 -6.20 3.58
N ARG B 196 8.39 -7.17 3.26
CA ARG B 196 6.94 -6.93 3.30
C ARG B 196 6.39 -6.95 4.71
N ASN B 197 6.74 -7.98 5.46
CA ASN B 197 6.26 -8.14 6.83
C ASN B 197 6.73 -7.05 7.80
N PRO B 198 8.01 -6.64 7.71
CA PRO B 198 8.41 -5.53 8.60
C PRO B 198 7.66 -4.23 8.31
N LEU B 199 7.31 -4.02 7.05
CA LEU B 199 6.63 -2.79 6.65
C LEU B 199 5.13 -2.85 6.93
N ALA B 200 4.79 -3.15 8.19
CA ALA B 200 3.41 -3.30 8.63
C ALA B 200 3.21 -2.73 10.03
N HIS B 201 4.24 -2.88 10.86
CA HIS B 201 4.25 -2.32 12.20
C HIS B 201 5.34 -1.25 12.32
N LEU B 202 6.27 -1.27 11.38
CA LEU B 202 7.44 -0.38 11.44
C LEU B 202 7.35 0.74 10.41
N ILE B 203 7.83 1.92 10.81
CA ILE B 203 7.93 3.06 9.92
C ILE B 203 9.40 3.35 9.64
N LYS B 204 9.87 2.92 8.47
CA LYS B 204 11.28 3.06 8.12
C LYS B 204 11.42 3.64 6.71
N PRO B 205 12.53 4.38 6.48
CA PRO B 205 12.84 4.85 5.14
C PRO B 205 13.06 3.67 4.19
N PHE B 206 12.44 3.71 3.02
CA PHE B 206 12.51 2.60 2.09
C PHE B 206 12.35 3.05 0.64
N ASP B 207 13.27 2.60 -0.22
CA ASP B 207 13.22 2.91 -1.63
C ASP B 207 13.75 1.74 -2.46
N GLU B 208 13.97 1.98 -3.75
CA GLU B 208 14.47 0.95 -4.65
C GLU B 208 15.87 0.47 -4.23
N GLU B 209 16.71 1.40 -3.80
CA GLU B 209 18.08 1.08 -3.42
C GLU B 209 18.12 0.23 -2.17
N GLU B 210 17.19 0.47 -1.26
CA GLU B 210 17.14 -0.28 -0.01
C GLU B 210 16.53 -1.66 -0.25
N LEU B 211 15.59 -1.73 -1.18
CA LEU B 211 14.98 -3.00 -1.56
C LEU B 211 16.01 -3.92 -2.18
N HIS B 212 16.83 -3.38 -3.07
CA HIS B 212 17.87 -4.15 -3.74
C HIS B 212 18.94 -4.57 -2.73
N ARG B 213 19.24 -3.71 -1.77
N ARG B 213 19.20 -3.70 -1.77
CA ARG B 213 20.25 -4.01 -0.76
CA ARG B 213 20.20 -3.94 -0.73
C ARG B 213 19.77 -5.14 0.15
C ARG B 213 19.78 -5.06 0.22
N THR B 214 18.49 -5.11 0.51
CA THR B 214 17.95 -6.10 1.45
C THR B 214 17.76 -7.48 0.82
N THR B 215 17.19 -7.52 -0.37
CA THR B 215 16.85 -8.80 -1.00
C THR B 215 17.92 -9.28 -1.98
N GLY B 216 18.64 -8.34 -2.58
CA GLY B 216 19.64 -8.67 -3.58
C GLY B 216 19.12 -8.56 -4.98
N PHE B 217 17.88 -8.08 -5.12
CA PHE B 217 17.23 -7.94 -6.42
C PHE B 217 16.42 -6.65 -6.54
N SER B 218 16.30 -6.14 -7.75
CA SER B 218 15.51 -4.95 -8.01
C SER B 218 14.03 -5.26 -7.91
N SER B 219 13.21 -4.22 -7.86
CA SER B 219 11.76 -4.41 -7.79
C SER B 219 11.23 -4.94 -9.11
N GLN B 220 11.89 -4.57 -10.21
CA GLN B 220 11.51 -5.02 -11.54
C GLN B 220 11.67 -6.54 -11.67
N THR B 221 12.68 -7.09 -11.00
CA THR B 221 12.92 -8.52 -11.00
C THR B 221 11.76 -9.25 -10.32
N PHE B 222 11.30 -8.70 -9.19
CA PHE B 222 10.17 -9.30 -8.47
C PHE B 222 8.88 -9.19 -9.27
N LEU B 223 8.67 -8.04 -9.90
CA LEU B 223 7.49 -7.83 -10.73
C LEU B 223 7.45 -8.83 -11.88
N GLU B 224 8.59 -9.00 -12.56
CA GLU B 224 8.67 -9.92 -13.69
C GLU B 224 8.49 -11.37 -13.27
N LYS B 225 8.91 -11.70 -12.05
CA LYS B 225 8.74 -13.05 -11.54
C LYS B 225 7.29 -13.32 -11.16
N ILE B 226 6.61 -12.28 -10.67
CA ILE B 226 5.18 -12.37 -10.41
C ILE B 226 4.42 -12.57 -11.72
N ILE B 227 4.86 -11.88 -12.75
CA ILE B 227 4.28 -12.01 -14.09
C ILE B 227 4.49 -13.41 -14.64
N GLN B 228 5.70 -13.92 -14.49
CA GLN B 228 6.03 -15.26 -14.97
C GLN B 228 5.17 -16.33 -14.29
N LEU B 229 4.89 -16.14 -13.01
CA LEU B 229 3.98 -17.04 -12.30
C LEU B 229 2.58 -16.97 -12.90
N ALA B 230 2.13 -15.75 -13.16
CA ALA B 230 0.79 -15.52 -13.70
C ALA B 230 0.65 -16.09 -15.11
N VAL B 231 1.64 -15.80 -15.96
CA VAL B 231 1.62 -16.27 -17.34
C VAL B 231 1.67 -17.80 -17.41
N PHE B 232 2.45 -18.40 -16.52
CA PHE B 232 2.53 -19.86 -16.49
C PHE B 232 1.22 -20.49 -16.02
N SER B 233 0.48 -19.76 -15.20
CA SER B 233 -0.77 -20.27 -14.63
C SER B 233 -1.95 -20.11 -15.58
N GLY B 234 -1.70 -19.55 -16.76
CA GLY B 234 -2.73 -19.42 -17.77
C GLY B 234 -3.33 -18.02 -17.88
N ILE B 235 -2.71 -17.05 -17.24
CA ILE B 235 -3.16 -15.67 -17.29
C ILE B 235 -2.32 -14.88 -18.28
N HIS B 236 -2.96 -14.25 -19.26
CA HIS B 236 -2.21 -13.46 -20.22
C HIS B 236 -1.85 -12.10 -19.67
N TYR B 237 -0.54 -11.81 -19.65
CA TYR B 237 -0.05 -10.50 -19.29
C TYR B 237 1.09 -10.12 -20.22
N ASP B 238 1.01 -8.93 -20.79
CA ASP B 238 2.03 -8.46 -21.73
C ASP B 238 3.19 -7.82 -20.97
N ASN B 239 4.37 -8.44 -21.07
CA ASN B 239 5.53 -7.98 -20.31
C ASN B 239 6.49 -7.12 -21.13
N ASP B 240 6.21 -6.97 -22.42
CA ASP B 240 7.02 -6.13 -23.28
C ASP B 240 6.26 -4.86 -23.62
N LYS B 241 4.94 -4.92 -23.52
CA LYS B 241 4.10 -3.77 -23.79
C LYS B 241 3.07 -3.59 -22.69
N PHE B 242 3.37 -2.68 -21.77
CA PHE B 242 2.49 -2.39 -20.63
C PHE B 242 1.10 -1.99 -21.12
N TYR B 243 0.08 -2.66 -20.59
CA TYR B 243 -1.31 -2.42 -20.97
C TYR B 243 -1.72 -0.97 -20.83
N PHE B 244 -1.31 -0.36 -19.72
CA PHE B 244 -1.65 1.04 -19.45
C PHE B 244 -1.00 1.97 -20.47
N ASP B 245 0.25 1.67 -20.82
CA ASP B 245 0.95 2.47 -21.82
C ASP B 245 0.30 2.33 -23.20
N LYS B 246 -0.16 1.13 -23.52
CA LYS B 246 -0.82 0.87 -24.80
C LYS B 246 -2.09 1.69 -24.94
N VAL B 247 -2.92 1.67 -23.91
CA VAL B 247 -4.19 2.39 -23.91
C VAL B 247 -3.96 3.91 -23.84
N ASN B 248 -2.92 4.32 -23.14
CA ASN B 248 -2.56 5.73 -23.06
C ASN B 248 -2.19 6.30 -24.42
N GLU B 249 -1.45 5.51 -25.20
CA GLU B 249 -1.07 5.91 -26.55
C GLU B 249 -2.31 6.02 -27.44
N LEU B 250 -3.28 5.14 -27.21
CA LEU B 250 -4.54 5.17 -27.95
C LEU B 250 -5.30 6.46 -27.66
N ILE B 251 -5.43 6.79 -26.37
CA ILE B 251 -6.14 7.99 -25.95
C ILE B 251 -5.47 9.24 -26.49
N LYS B 252 -4.14 9.26 -26.46
CA LYS B 252 -3.37 10.39 -26.97
C LYS B 252 -3.61 10.63 -28.45
N ARG B 253 -3.55 9.56 -29.25
CA ARG B 253 -3.73 9.67 -30.70
C ARG B 253 -5.12 10.19 -31.08
N ILE B 254 -6.04 10.18 -30.12
CA ILE B 254 -7.39 10.67 -30.36
C ILE B 254 -7.49 12.19 -30.18
N TYR B 255 -6.89 12.72 -29.12
CA TYR B 255 -6.99 14.15 -28.85
C TYR B 255 -5.76 14.94 -29.30
N GLN B 256 -4.77 14.24 -29.86
CA GLN B 256 -3.58 14.91 -30.37
C GLN B 256 -3.53 14.85 -31.90
CA CA C . -7.59 19.58 6.06
CA CA D . 15.83 7.66 -0.52
CA CA E . 10.07 -8.16 17.35
C1 PGE F . -14.05 14.66 15.91
O1 PGE F . -13.27 14.08 14.87
C2 PGE F . -15.53 14.54 15.57
O2 PGE F . -16.07 13.38 16.18
C3 PGE F . -17.21 12.88 15.50
C4 PGE F . -17.64 11.56 16.12
O4 PGE F . -15.59 9.00 17.50
C6 PGE F . -16.12 8.47 16.29
C5 PGE F . -17.39 9.21 15.95
O3 PGE F . -17.06 10.48 15.41
CA CA G . 1.01 25.46 -22.70
CA CA H . 8.42 -4.42 -19.21
CA CA I . -15.23 2.29 -8.58
CA CA J . -11.82 -18.19 4.81
C1 GOL K . -13.04 -9.55 -27.09
O1 GOL K . -13.27 -8.43 -27.93
C2 GOL K . -11.56 -9.90 -27.13
O2 GOL K . -10.81 -8.74 -26.90
C3 GOL K . -11.25 -10.92 -26.05
O3 GOL K . -9.84 -11.09 -25.97
C1 GOL L . -7.61 -42.39 8.12
O1 GOL L . -8.34 -42.72 6.95
C2 GOL L . -7.90 -40.96 8.55
O2 GOL L . -8.89 -40.42 7.70
C3 GOL L . -8.43 -40.96 9.98
O3 GOL L . -9.78 -41.40 9.96
#